data_5CTH
#
_entry.id   5CTH
#
_cell.length_a   89.980
_cell.length_b   95.490
_cell.length_c   150.510
_cell.angle_alpha   90.00
_cell.angle_beta   90.00
_cell.angle_gamma   90.00
#
_symmetry.space_group_name_H-M   'P 21 21 21'
#
loop_
_entity.id
_entity.type
_entity.pdbx_description
1 polymer 'Bidirectional sugar transporter SWEET2b'
2 non-polymer 3,6,9,12,15,18,21,24-OCTAOXAHEXACOSAN-1-OL
3 non-polymer '2-(N-MORPHOLINO)-ETHANESULFONIC ACID'
4 non-polymer 'nonyl beta-D-glucopyranoside'
#
_entity_poly.entity_id   1
_entity_poly.type   'polypeptide(L)'
_entity_poly.pdbx_seq_one_letter_code
;MDSLYDISCFAAGLAGNIFALALFLSPVTTFKRILKAKSTERFDGLPYLFSLLNCLICLWYGLPWVADGRLLVATVNGIG
AVFQLAYICLFIFYADSRKTRMKIIGLLVLVVCGFALVSHASVFFFDQPLRQQFVGAVSMASLISMFASPLAVMGVVIRS
ESVEFMPFYLSLSTFLMSASFALYGLLLRDFFIYFPNGLGLILGAMQLALYAYYSSNSLEVLFQ
;
_entity_poly.pdbx_strand_id   A,B,C
#
# COMPACT_ATOMS: atom_id res chain seq x y z
N ASP A 2 -20.55 10.79 38.83
CA ASP A 2 -19.62 10.45 37.76
C ASP A 2 -19.44 11.61 36.78
N SER A 3 -18.47 11.48 35.88
CA SER A 3 -18.19 12.50 34.88
C SER A 3 -19.18 12.43 33.72
N LEU A 4 -19.17 13.47 32.89
CA LEU A 4 -20.04 13.59 31.71
C LEU A 4 -19.41 12.84 30.52
N TYR A 5 -18.78 11.70 30.82
CA TYR A 5 -18.17 10.90 29.78
C TYR A 5 -19.20 10.09 29.00
N ASP A 6 -19.98 9.30 29.74
CA ASP A 6 -20.99 8.40 29.20
C ASP A 6 -22.10 9.09 28.41
N ILE A 7 -22.64 10.15 28.99
CA ILE A 7 -23.79 10.85 28.42
C ILE A 7 -23.52 11.29 27.00
N SER A 8 -22.37 11.92 26.79
CA SER A 8 -21.95 12.29 25.44
C SER A 8 -21.57 11.04 24.65
N CYS A 9 -20.93 10.09 25.33
CA CYS A 9 -20.41 8.91 24.67
C CYS A 9 -21.45 8.07 23.88
N PHE A 10 -22.54 7.62 24.51
CA PHE A 10 -23.51 6.81 23.76
C PHE A 10 -24.28 7.61 22.70
N ALA A 11 -24.67 8.83 23.09
CA ALA A 11 -25.45 9.71 22.23
C ALA A 11 -24.72 10.05 20.94
N ALA A 12 -23.40 10.22 21.02
CA ALA A 12 -22.58 10.51 19.84
C ALA A 12 -22.69 9.38 18.83
N GLY A 13 -22.61 8.15 19.31
CA GLY A 13 -22.71 7.00 18.44
C GLY A 13 -24.07 6.86 17.78
N LEU A 14 -25.14 7.00 18.58
CA LEU A 14 -26.48 6.89 18.01
C LEU A 14 -26.76 7.98 16.97
N ALA A 15 -26.43 9.22 17.34
CA ALA A 15 -26.63 10.37 16.46
C ALA A 15 -25.85 10.22 15.16
N GLY A 16 -24.59 9.81 15.29
CA GLY A 16 -23.77 9.57 14.13
C GLY A 16 -24.38 8.52 13.24
N ASN A 17 -24.92 7.46 13.84
CA ASN A 17 -25.54 6.40 13.08
C ASN A 17 -26.73 6.94 12.27
N ILE A 18 -27.60 7.68 12.94
CA ILE A 18 -28.77 8.25 12.29
C ILE A 18 -28.39 9.18 11.13
N PHE A 19 -27.34 9.99 11.33
CA PHE A 19 -26.85 10.85 10.26
C PHE A 19 -26.29 10.02 9.11
N ALA A 20 -25.63 8.93 9.47
CA ALA A 20 -24.98 8.00 8.53
C ALA A 20 -25.95 7.28 7.61
N LEU A 21 -27.17 7.08 8.09
CA LEU A 21 -28.21 6.35 7.37
C LEU A 21 -28.43 6.78 5.91
N ALA A 22 -28.25 8.07 5.61
CA ALA A 22 -28.45 8.60 4.26
C ALA A 22 -27.49 8.01 3.23
N LEU A 23 -26.24 7.81 3.63
CA LEU A 23 -25.22 7.28 2.74
C LEU A 23 -25.52 5.87 2.24
N PHE A 24 -26.05 5.02 3.12
CA PHE A 24 -26.36 3.66 2.74
C PHE A 24 -27.54 3.61 1.76
N LEU A 25 -28.39 4.62 1.83
CA LEU A 25 -29.55 4.71 0.94
C LEU A 25 -29.24 5.54 -0.31
N SER A 26 -28.03 6.08 -0.37
CA SER A 26 -27.61 6.93 -1.49
C SER A 26 -27.67 6.26 -2.87
N PRO A 27 -27.19 5.02 -3.00
CA PRO A 27 -27.21 4.48 -4.37
C PRO A 27 -28.56 3.92 -4.80
N VAL A 28 -29.58 4.06 -3.97
CA VAL A 28 -30.88 3.48 -4.29
C VAL A 28 -31.45 4.13 -5.55
N THR A 29 -31.04 5.37 -5.81
CA THR A 29 -31.48 6.10 -6.99
C THR A 29 -31.02 5.32 -8.20
N THR A 30 -29.76 4.88 -8.17
CA THR A 30 -29.21 4.11 -9.28
C THR A 30 -30.01 2.84 -9.48
N PHE A 31 -30.41 2.22 -8.37
CA PHE A 31 -31.17 0.99 -8.50
C PHE A 31 -32.56 1.26 -8.98
N LYS A 32 -33.09 2.45 -8.65
CA LYS A 32 -34.37 2.82 -9.19
C LYS A 32 -34.17 2.89 -10.69
N ARG A 33 -33.09 3.54 -11.09
CA ARG A 33 -32.86 3.70 -12.52
C ARG A 33 -32.50 2.35 -13.09
N ILE A 34 -31.96 1.46 -12.25
CA ILE A 34 -31.66 0.15 -12.77
C ILE A 34 -32.94 -0.68 -12.83
N LEU A 35 -33.80 -0.53 -11.82
CA LEU A 35 -34.97 -1.40 -11.71
C LEU A 35 -35.89 -1.22 -12.91
N LYS A 36 -36.09 0.02 -13.33
CA LYS A 36 -36.85 0.29 -14.54
C LYS A 36 -36.08 -0.27 -15.74
N ALA A 37 -34.81 0.10 -15.85
CA ALA A 37 -33.91 -0.42 -16.88
C ALA A 37 -33.81 -1.95 -16.90
N LYS A 38 -33.59 -2.52 -15.73
CA LYS A 38 -33.32 -3.96 -15.55
C LYS A 38 -32.06 -4.38 -16.31
N SER A 39 -31.02 -3.54 -16.25
CA SER A 39 -29.78 -3.80 -16.97
C SER A 39 -28.53 -3.93 -16.10
N THR A 40 -28.09 -2.81 -15.52
CA THR A 40 -26.78 -2.62 -14.85
C THR A 40 -25.66 -2.45 -15.88
N GLU A 41 -26.01 -2.21 -17.14
CA GLU A 41 -24.99 -2.01 -18.17
C GLU A 41 -24.19 -0.76 -17.86
N ARG A 42 -24.91 0.35 -17.66
CA ARG A 42 -24.28 1.64 -17.45
C ARG A 42 -23.45 1.68 -16.16
N PHE A 43 -23.75 0.80 -15.21
CA PHE A 43 -23.03 0.86 -13.95
C PHE A 43 -22.24 -0.40 -13.60
N ASP A 44 -21.04 -0.17 -13.09
CA ASP A 44 -20.18 -1.23 -12.54
C ASP A 44 -19.54 -0.59 -11.33
N GLY A 45 -19.61 -1.21 -10.15
CA GLY A 45 -20.26 -2.48 -9.91
C GLY A 45 -19.50 -2.96 -8.68
N LEU A 46 -18.19 -2.73 -8.74
CA LEU A 46 -17.24 -3.06 -7.70
C LEU A 46 -17.44 -2.27 -6.38
N PRO A 47 -17.79 -0.97 -6.46
CA PRO A 47 -17.86 -0.20 -5.21
C PRO A 47 -18.73 -0.77 -4.11
N TYR A 48 -19.82 -1.45 -4.44
CA TYR A 48 -20.66 -2.07 -3.41
C TYR A 48 -19.91 -3.22 -2.73
N LEU A 49 -19.12 -3.95 -3.50
CA LEU A 49 -18.30 -5.01 -2.94
C LEU A 49 -17.22 -4.44 -2.02
N PHE A 50 -16.49 -3.41 -2.48
CA PHE A 50 -15.45 -2.79 -1.65
C PHE A 50 -16.05 -2.31 -0.33
N SER A 51 -17.19 -1.64 -0.46
CA SER A 51 -17.89 -1.10 0.68
C SER A 51 -18.37 -2.21 1.64
N LEU A 52 -18.78 -3.37 1.09
CA LEU A 52 -19.22 -4.48 1.94
C LEU A 52 -18.06 -5.01 2.74
N LEU A 53 -16.91 -5.13 2.07
CA LEU A 53 -15.67 -5.60 2.70
C LEU A 53 -15.32 -4.69 3.90
N ASN A 54 -15.34 -3.38 3.63
CA ASN A 54 -15.08 -2.38 4.64
C ASN A 54 -16.03 -2.57 5.83
N CYS A 55 -17.31 -2.70 5.52
CA CYS A 55 -18.33 -2.81 6.55
C CYS A 55 -18.18 -4.07 7.40
N LEU A 56 -17.79 -5.19 6.80
CA LEU A 56 -17.56 -6.41 7.59
C LEU A 56 -16.34 -6.28 8.48
N ILE A 57 -15.24 -5.72 7.98
CA ILE A 57 -14.05 -5.62 8.82
C ILE A 57 -14.33 -4.71 10.02
N CYS A 58 -15.02 -3.61 9.76
CA CYS A 58 -15.38 -2.69 10.83
C CYS A 58 -16.40 -3.28 11.80
N LEU A 59 -17.35 -4.05 11.26
CA LEU A 59 -18.33 -4.74 12.08
C LEU A 59 -17.66 -5.76 13.00
N TRP A 60 -16.67 -6.46 12.48
CA TRP A 60 -15.91 -7.44 13.26
C TRP A 60 -15.21 -6.71 14.39
N TYR A 61 -14.64 -5.55 14.07
CA TYR A 61 -14.01 -4.72 15.09
C TYR A 61 -15.00 -4.38 16.19
N GLY A 62 -16.22 -4.04 15.78
CA GLY A 62 -17.27 -3.66 16.72
C GLY A 62 -17.68 -4.74 17.71
N LEU A 63 -17.64 -6.00 17.27
CA LEU A 63 -18.08 -7.13 18.10
C LEU A 63 -17.30 -7.24 19.41
N PRO A 64 -17.95 -7.75 20.47
CA PRO A 64 -17.33 -7.90 21.80
C PRO A 64 -16.16 -8.87 21.75
N TRP A 65 -16.16 -9.76 20.75
CA TRP A 65 -15.10 -10.74 20.58
C TRP A 65 -13.78 -10.00 20.37
N VAL A 66 -13.80 -9.02 19.45
CA VAL A 66 -12.64 -8.17 19.17
C VAL A 66 -12.41 -7.02 20.14
N ALA A 67 -13.45 -6.22 20.36
CA ALA A 67 -13.31 -5.04 21.22
C ALA A 67 -14.48 -4.82 22.17
N ASP A 68 -14.14 -4.65 23.45
CA ASP A 68 -15.12 -4.42 24.49
C ASP A 68 -15.49 -2.95 24.47
N GLY A 69 -16.75 -2.63 24.76
CA GLY A 69 -17.14 -1.23 24.84
C GLY A 69 -17.28 -0.56 23.48
N ARG A 70 -17.25 -1.33 22.41
CA ARG A 70 -17.40 -0.77 21.07
C ARG A 70 -18.74 -1.18 20.51
N LEU A 71 -19.80 -0.54 21.00
CA LEU A 71 -21.14 -1.05 20.78
C LEU A 71 -21.77 -0.51 19.49
N LEU A 72 -21.69 0.81 19.32
CA LEU A 72 -22.40 1.50 18.24
C LEU A 72 -21.82 1.17 16.86
N VAL A 73 -20.50 0.99 16.84
CA VAL A 73 -19.78 0.65 15.62
C VAL A 73 -20.25 -0.66 14.99
N ALA A 74 -20.49 -1.66 15.82
CA ALA A 74 -21.01 -2.93 15.34
C ALA A 74 -22.39 -2.73 14.70
N THR A 75 -23.17 -1.82 15.28
CA THR A 75 -24.53 -1.54 14.81
C THR A 75 -24.55 -0.86 13.45
N VAL A 76 -23.84 0.27 13.34
CA VAL A 76 -23.83 1.01 12.09
C VAL A 76 -23.19 0.16 10.98
N ASN A 77 -22.06 -0.47 11.29
CA ASN A 77 -21.38 -1.29 10.30
C ASN A 77 -22.17 -2.54 9.93
N GLY A 78 -23.00 -3.02 10.86
CA GLY A 78 -23.89 -4.14 10.61
C GLY A 78 -24.98 -3.77 9.62
N ILE A 79 -25.66 -2.66 9.89
CA ILE A 79 -26.72 -2.20 9.01
C ILE A 79 -26.13 -1.95 7.63
N GLY A 80 -24.93 -1.39 7.63
CA GLY A 80 -24.23 -1.14 6.38
C GLY A 80 -23.96 -2.41 5.61
N ALA A 81 -23.43 -3.43 6.28
CA ALA A 81 -23.08 -4.68 5.62
C ALA A 81 -24.32 -5.35 5.05
N VAL A 82 -25.41 -5.33 5.80
CA VAL A 82 -26.65 -5.91 5.31
C VAL A 82 -27.14 -5.20 4.04
N PHE A 83 -27.18 -3.87 4.10
CA PHE A 83 -27.62 -3.10 2.93
C PHE A 83 -26.75 -3.36 1.70
N GLN A 84 -25.44 -3.37 1.92
CA GLN A 84 -24.50 -3.58 0.83
C GLN A 84 -24.70 -4.95 0.25
N LEU A 85 -25.02 -5.92 1.10
CA LEU A 85 -25.22 -7.28 0.63
C LEU A 85 -26.48 -7.32 -0.23
N ALA A 86 -27.49 -6.58 0.18
CA ALA A 86 -28.72 -6.48 -0.61
C ALA A 86 -28.43 -5.87 -1.98
N TYR A 87 -27.60 -4.84 -1.98
CA TYR A 87 -27.23 -4.18 -3.23
C TYR A 87 -26.55 -5.18 -4.16
N ILE A 88 -25.55 -5.88 -3.62
CA ILE A 88 -24.78 -6.81 -4.43
C ILE A 88 -25.66 -7.92 -4.97
N CYS A 89 -26.64 -8.37 -4.19
CA CYS A 89 -27.57 -9.37 -4.68
C CYS A 89 -28.42 -8.83 -5.83
N LEU A 90 -28.92 -7.60 -5.71
CA LEU A 90 -29.73 -7.03 -6.80
C LEU A 90 -28.93 -6.79 -8.07
N PHE A 91 -27.72 -6.26 -7.91
CA PHE A 91 -26.84 -6.01 -9.05
C PHE A 91 -26.45 -7.33 -9.73
N ILE A 92 -26.08 -8.32 -8.92
CA ILE A 92 -25.62 -9.60 -9.42
C ILE A 92 -26.74 -10.38 -10.12
N PHE A 93 -27.97 -10.24 -9.61
CA PHE A 93 -29.09 -10.90 -10.27
C PHE A 93 -29.50 -10.11 -11.51
N TYR A 94 -29.61 -8.79 -11.38
CA TYR A 94 -29.99 -7.93 -12.50
C TYR A 94 -28.79 -7.61 -13.38
N ALA A 95 -27.69 -8.33 -13.22
CA ALA A 95 -26.47 -8.05 -13.96
C ALA A 95 -26.65 -8.09 -15.47
N ASP A 96 -26.04 -7.11 -16.13
CA ASP A 96 -25.98 -7.06 -17.58
C ASP A 96 -24.78 -7.87 -18.05
N SER A 97 -25.02 -8.86 -18.90
CA SER A 97 -23.99 -9.78 -19.41
C SER A 97 -23.55 -10.83 -18.38
N ARG A 98 -23.26 -12.03 -18.88
CA ARG A 98 -22.81 -13.17 -18.08
C ARG A 98 -21.47 -12.85 -17.45
N LYS A 99 -20.67 -12.09 -18.18
CA LYS A 99 -19.34 -11.67 -17.74
C LYS A 99 -19.44 -10.85 -16.46
N THR A 100 -20.38 -9.90 -16.43
CA THR A 100 -20.58 -9.07 -15.24
C THR A 100 -21.07 -9.92 -14.07
N ARG A 101 -22.04 -10.79 -14.35
CA ARG A 101 -22.60 -11.67 -13.33
C ARG A 101 -21.49 -12.51 -12.68
N MET A 102 -20.65 -13.14 -13.51
CA MET A 102 -19.54 -13.97 -13.03
C MET A 102 -18.43 -13.20 -12.33
N LYS A 103 -18.18 -11.99 -12.80
CA LYS A 103 -17.17 -11.13 -12.19
C LYS A 103 -17.62 -10.83 -10.77
N ILE A 104 -18.85 -10.33 -10.66
CA ILE A 104 -19.38 -9.95 -9.37
C ILE A 104 -19.53 -11.13 -8.41
N ILE A 105 -20.04 -12.27 -8.90
CA ILE A 105 -20.19 -13.45 -8.04
C ILE A 105 -18.82 -13.92 -7.54
N GLY A 106 -17.82 -13.90 -8.42
CA GLY A 106 -16.49 -14.35 -8.04
C GLY A 106 -15.93 -13.46 -6.93
N LEU A 107 -15.97 -12.15 -7.14
CA LEU A 107 -15.47 -11.22 -6.13
C LEU A 107 -16.23 -11.27 -4.83
N LEU A 108 -17.54 -11.46 -4.88
CA LEU A 108 -18.35 -11.61 -3.67
C LEU A 108 -17.85 -12.82 -2.90
N VAL A 109 -17.63 -13.92 -3.62
CA VAL A 109 -17.04 -15.11 -3.01
C VAL A 109 -15.70 -14.82 -2.36
N LEU A 110 -14.86 -14.05 -3.06
CA LEU A 110 -13.55 -13.70 -2.55
C LEU A 110 -13.65 -12.88 -1.27
N VAL A 111 -14.51 -11.88 -1.27
CA VAL A 111 -14.67 -11.01 -0.11
C VAL A 111 -15.25 -11.76 1.09
N VAL A 112 -16.35 -12.48 0.91
CA VAL A 112 -16.97 -13.15 2.05
C VAL A 112 -15.99 -14.22 2.61
N CYS A 113 -15.40 -15.01 1.72
CA CYS A 113 -14.48 -16.06 2.14
C CYS A 113 -13.25 -15.45 2.84
N GLY A 114 -12.72 -14.37 2.26
CA GLY A 114 -11.55 -13.71 2.80
C GLY A 114 -11.76 -13.07 4.15
N PHE A 115 -12.88 -12.37 4.30
CA PHE A 115 -13.22 -11.76 5.58
C PHE A 115 -13.38 -12.80 6.66
N ALA A 116 -14.05 -13.90 6.33
CA ALA A 116 -14.19 -14.97 7.31
C ALA A 116 -12.80 -15.45 7.72
N LEU A 117 -11.91 -15.52 6.72
CA LEU A 117 -10.52 -15.94 6.94
C LEU A 117 -9.76 -15.05 7.93
N VAL A 118 -9.82 -13.74 7.72
CA VAL A 118 -9.11 -12.79 8.58
C VAL A 118 -9.80 -12.71 9.96
N SER A 119 -11.11 -12.95 10.02
CA SER A 119 -11.83 -12.98 11.29
C SER A 119 -11.25 -14.12 12.12
N HIS A 120 -11.25 -15.29 11.50
CA HIS A 120 -10.72 -16.47 12.15
C HIS A 120 -9.30 -16.24 12.60
N ALA A 121 -8.45 -15.73 11.72
CA ALA A 121 -7.06 -15.52 12.11
C ALA A 121 -6.96 -14.53 13.28
N SER A 122 -7.77 -13.48 13.24
CA SER A 122 -7.70 -12.46 14.28
C SER A 122 -8.02 -13.06 15.65
N VAL A 123 -9.10 -13.83 15.72
CA VAL A 123 -9.52 -14.42 16.99
C VAL A 123 -8.63 -15.59 17.41
N PHE A 124 -8.03 -16.27 16.43
CA PHE A 124 -7.18 -17.44 16.68
C PHE A 124 -5.77 -17.09 17.16
N PHE A 125 -5.01 -16.41 16.30
CA PHE A 125 -3.60 -16.12 16.54
C PHE A 125 -3.34 -15.05 17.61
N PHE A 126 -4.28 -14.13 17.78
CA PHE A 126 -4.04 -12.96 18.60
C PHE A 126 -4.83 -12.91 19.90
N ASP A 127 -4.12 -12.67 21.00
CA ASP A 127 -4.80 -12.44 22.28
C ASP A 127 -4.65 -10.97 22.63
N GLN A 128 -5.61 -10.48 23.40
CA GLN A 128 -5.68 -9.06 23.74
C GLN A 128 -4.43 -8.58 24.47
N PRO A 129 -4.05 -7.30 24.24
CA PRO A 129 -4.79 -6.34 23.43
C PRO A 129 -4.37 -6.33 21.98
N LEU A 130 -3.44 -7.19 21.61
CA LEU A 130 -2.86 -7.16 20.26
C LEU A 130 -3.94 -7.39 19.22
N ARG A 131 -4.90 -8.26 19.53
CA ARG A 131 -6.00 -8.49 18.60
C ARG A 131 -6.71 -7.22 18.20
N GLN A 132 -7.16 -6.44 19.18
CA GLN A 132 -7.88 -5.21 18.89
C GLN A 132 -6.99 -4.28 18.08
N GLN A 133 -5.69 -4.32 18.36
CA GLN A 133 -4.73 -3.51 17.62
C GLN A 133 -4.67 -3.92 16.15
N PHE A 134 -4.72 -5.22 15.90
CA PHE A 134 -4.64 -5.79 14.56
C PHE A 134 -5.91 -5.49 13.77
N VAL A 135 -7.06 -5.88 14.31
CA VAL A 135 -8.36 -5.62 13.67
C VAL A 135 -8.59 -4.12 13.52
N GLY A 136 -8.03 -3.36 14.45
CA GLY A 136 -8.06 -1.91 14.36
C GLY A 136 -7.25 -1.42 13.18
N ALA A 137 -6.02 -1.89 13.03
CA ALA A 137 -5.15 -1.45 11.95
C ALA A 137 -5.76 -1.80 10.60
N VAL A 138 -6.22 -3.04 10.46
CA VAL A 138 -6.86 -3.47 9.23
C VAL A 138 -8.11 -2.61 8.95
N SER A 139 -8.91 -2.36 9.98
CA SER A 139 -10.13 -1.57 9.83
C SER A 139 -9.82 -0.17 9.36
N MET A 140 -8.84 0.45 10.00
CA MET A 140 -8.42 1.79 9.69
C MET A 140 -7.93 1.91 8.26
N ALA A 141 -7.16 0.92 7.82
CA ALA A 141 -6.67 0.90 6.45
C ALA A 141 -7.86 0.81 5.49
N SER A 142 -8.85 0.01 5.83
CA SER A 142 -10.03 -0.08 4.97
C SER A 142 -10.76 1.23 4.86
N LEU A 143 -11.11 1.81 6.00
CA LEU A 143 -11.89 3.03 6.06
C LEU A 143 -11.17 4.15 5.32
N ILE A 144 -9.86 4.25 5.53
CA ILE A 144 -9.08 5.26 4.83
C ILE A 144 -9.06 4.94 3.34
N SER A 145 -9.03 3.66 2.98
CA SER A 145 -9.04 3.28 1.57
C SER A 145 -10.32 3.69 0.87
N MET A 146 -11.45 3.63 1.57
CA MET A 146 -12.74 4.00 0.97
C MET A 146 -12.73 5.45 0.52
N PHE A 147 -12.06 6.29 1.30
CA PHE A 147 -12.06 7.74 1.08
C PHE A 147 -11.57 8.20 -0.29
N ALA A 148 -10.94 7.31 -1.05
CA ALA A 148 -10.40 7.69 -2.34
C ALA A 148 -11.50 8.14 -3.30
N SER A 149 -12.63 7.44 -3.28
CA SER A 149 -13.70 7.68 -4.25
C SER A 149 -14.40 9.05 -4.12
N PRO A 150 -14.81 9.46 -2.89
CA PRO A 150 -15.42 10.79 -2.85
C PRO A 150 -14.43 11.88 -3.28
N LEU A 151 -13.16 11.68 -2.95
CA LEU A 151 -12.11 12.58 -3.37
C LEU A 151 -12.09 12.61 -4.90
N ALA A 152 -12.34 11.44 -5.49
CA ALA A 152 -12.36 11.32 -6.94
C ALA A 152 -13.50 12.15 -7.55
N VAL A 153 -14.68 12.08 -6.93
CA VAL A 153 -15.82 12.85 -7.42
C VAL A 153 -15.61 14.36 -7.23
N MET A 154 -14.88 14.74 -6.19
CA MET A 154 -14.47 16.14 -6.04
C MET A 154 -13.54 16.54 -7.18
N GLY A 155 -12.63 15.64 -7.54
CA GLY A 155 -11.76 15.89 -8.67
C GLY A 155 -12.55 16.11 -9.95
N VAL A 156 -13.54 15.26 -10.18
CA VAL A 156 -14.38 15.39 -11.36
C VAL A 156 -15.14 16.71 -11.36
N VAL A 157 -15.65 17.10 -10.20
CA VAL A 157 -16.36 18.36 -10.07
C VAL A 157 -15.48 19.58 -10.32
N ILE A 158 -14.31 19.62 -9.71
CA ILE A 158 -13.39 20.73 -9.94
C ILE A 158 -12.98 20.81 -11.41
N ARG A 159 -12.62 19.65 -11.99
CA ARG A 159 -12.21 19.61 -13.39
C ARG A 159 -13.39 19.92 -14.32
N SER A 160 -14.48 19.29 -14.13
CA SER A 160 -15.69 19.57 -14.92
C SER A 160 -16.57 20.56 -14.17
N GLU A 161 -16.68 21.77 -14.65
CA GLU A 161 -17.45 22.84 -14.00
C GLU A 161 -18.80 22.40 -13.41
N SER A 162 -19.39 21.36 -13.98
CA SER A 162 -20.71 20.91 -13.54
C SER A 162 -20.62 20.28 -12.15
N VAL A 163 -21.59 20.60 -11.31
CA VAL A 163 -21.61 20.01 -9.99
C VAL A 163 -22.48 18.77 -9.98
N GLU A 164 -22.61 18.11 -11.11
CA GLU A 164 -23.39 16.88 -11.26
C GLU A 164 -22.81 15.85 -10.30
N PHE A 165 -23.64 14.92 -9.83
CA PHE A 165 -23.26 13.97 -8.79
C PHE A 165 -22.97 14.81 -7.55
N MET A 166 -22.35 14.22 -6.53
CA MET A 166 -22.09 14.95 -5.28
C MET A 166 -23.33 15.69 -4.78
N PRO A 167 -24.17 15.00 -4.01
CA PRO A 167 -25.41 15.57 -3.48
C PRO A 167 -25.15 16.33 -2.19
N PHE A 168 -25.79 17.48 -2.02
CA PHE A 168 -25.57 18.30 -0.83
C PHE A 168 -26.08 17.52 0.39
N TYR A 169 -27.20 16.84 0.21
CA TYR A 169 -27.80 16.05 1.27
C TYR A 169 -26.82 14.99 1.75
N LEU A 170 -26.26 14.30 0.77
CA LEU A 170 -25.30 13.23 1.00
C LEU A 170 -24.05 13.78 1.66
N SER A 171 -23.55 14.89 1.13
CA SER A 171 -22.32 15.48 1.63
C SER A 171 -22.45 15.93 3.08
N LEU A 172 -23.54 16.64 3.40
CA LEU A 172 -23.79 17.12 4.76
C LEU A 172 -23.98 15.96 5.73
N SER A 173 -24.78 14.98 5.32
CA SER A 173 -25.01 13.81 6.14
C SER A 173 -23.70 13.09 6.46
N THR A 174 -22.85 12.94 5.44
CA THR A 174 -21.57 12.27 5.59
C THR A 174 -20.58 13.04 6.46
N PHE A 175 -20.57 14.36 6.31
CA PHE A 175 -19.78 15.21 7.18
C PHE A 175 -20.21 15.02 8.62
N LEU A 176 -21.52 15.01 8.83
CA LEU A 176 -22.09 14.86 10.16
C LEU A 176 -21.77 13.52 10.81
N MET A 177 -21.88 12.44 10.04
CA MET A 177 -21.60 11.12 10.57
C MET A 177 -20.11 10.99 10.90
N SER A 178 -19.27 11.52 10.01
CA SER A 178 -17.83 11.48 10.21
C SER A 178 -17.45 12.25 11.45
N ALA A 179 -18.04 13.43 11.61
CA ALA A 179 -17.75 14.28 12.76
C ALA A 179 -18.16 13.58 14.05
N SER A 180 -19.37 13.02 14.04
CA SER A 180 -19.90 12.38 15.24
C SER A 180 -19.04 11.19 15.68
N PHE A 181 -18.74 10.29 14.74
CA PHE A 181 -17.91 9.11 15.06
C PHE A 181 -16.51 9.55 15.43
N ALA A 182 -16.10 10.69 14.91
CA ALA A 182 -14.84 11.29 15.32
C ALA A 182 -14.89 11.65 16.79
N LEU A 183 -16.00 12.22 17.24
CA LEU A 183 -16.18 12.53 18.66
C LEU A 183 -16.20 11.27 19.51
N TYR A 184 -16.79 10.21 18.96
CA TYR A 184 -16.89 8.90 19.62
C TYR A 184 -15.50 8.29 19.87
N GLY A 185 -14.67 8.28 18.83
CA GLY A 185 -13.30 7.82 18.96
C GLY A 185 -12.53 8.74 19.89
N LEU A 186 -12.87 10.02 19.85
CA LEU A 186 -12.21 11.03 20.65
C LEU A 186 -12.43 10.75 22.14
N LEU A 187 -13.68 10.49 22.52
CA LEU A 187 -14.04 10.20 23.90
C LEU A 187 -13.47 8.85 24.34
N LEU A 188 -13.56 7.87 23.45
CA LEU A 188 -13.00 6.56 23.74
C LEU A 188 -11.47 6.53 23.76
N ARG A 189 -10.85 7.58 23.22
CA ARG A 189 -9.38 7.72 23.15
C ARG A 189 -8.84 6.58 22.27
N ASP A 190 -9.72 6.05 21.44
CA ASP A 190 -9.37 5.01 20.48
C ASP A 190 -8.94 5.66 19.16
N PHE A 191 -7.65 5.55 18.85
CA PHE A 191 -7.09 6.16 17.65
C PHE A 191 -7.73 5.65 16.37
N PHE A 192 -7.95 4.34 16.30
CA PHE A 192 -8.42 3.69 15.08
C PHE A 192 -9.78 4.21 14.67
N ILE A 193 -10.58 4.57 15.67
CA ILE A 193 -11.90 5.14 15.42
C ILE A 193 -11.82 6.61 15.02
N TYR A 194 -11.09 7.40 15.80
CA TYR A 194 -11.02 8.84 15.55
C TYR A 194 -10.35 9.22 14.23
N PHE A 195 -9.17 8.66 13.97
CA PHE A 195 -8.34 9.14 12.86
C PHE A 195 -9.05 9.11 11.50
N PRO A 196 -9.54 7.93 11.05
CA PRO A 196 -10.20 7.97 9.74
C PRO A 196 -11.42 8.88 9.73
N ASN A 197 -12.21 8.86 10.81
CA ASN A 197 -13.38 9.74 10.92
C ASN A 197 -13.02 11.22 11.03
N GLY A 198 -11.86 11.51 11.60
CA GLY A 198 -11.38 12.89 11.61
C GLY A 198 -11.06 13.31 10.19
N LEU A 199 -10.42 12.41 9.44
CA LEU A 199 -10.11 12.67 8.04
C LEU A 199 -11.40 12.87 7.27
N GLY A 200 -12.42 12.09 7.62
CA GLY A 200 -13.71 12.20 7.01
C GLY A 200 -14.34 13.54 7.32
N LEU A 201 -14.12 14.04 8.54
CA LEU A 201 -14.64 15.35 8.91
C LEU A 201 -13.95 16.40 8.04
N ILE A 202 -12.65 16.21 7.78
CA ILE A 202 -11.94 17.13 6.89
C ILE A 202 -12.50 17.10 5.47
N LEU A 203 -12.64 15.90 4.91
CA LEU A 203 -13.16 15.73 3.55
C LEU A 203 -14.57 16.26 3.38
N GLY A 204 -15.39 16.03 4.40
CA GLY A 204 -16.74 16.57 4.44
C GLY A 204 -16.70 18.08 4.48
N ALA A 205 -15.77 18.65 5.26
CA ALA A 205 -15.63 20.09 5.32
C ALA A 205 -15.26 20.68 3.97
N MET A 206 -14.29 20.07 3.30
CA MET A 206 -13.90 20.49 1.95
C MET A 206 -15.04 20.40 0.95
N GLN A 207 -15.80 19.31 1.02
CA GLN A 207 -16.94 19.13 0.13
C GLN A 207 -17.99 20.21 0.38
N LEU A 208 -18.27 20.47 1.66
CA LEU A 208 -19.25 21.48 2.07
C LEU A 208 -18.79 22.81 1.49
N ALA A 209 -17.49 23.07 1.56
CA ALA A 209 -16.93 24.27 0.98
C ALA A 209 -17.23 24.31 -0.51
N LEU A 210 -17.01 23.18 -1.19
CA LEU A 210 -17.28 23.11 -2.63
C LEU A 210 -18.73 23.30 -3.05
N TYR A 211 -19.71 22.93 -2.21
CA TYR A 211 -21.10 23.22 -2.58
C TYR A 211 -21.29 24.73 -2.75
N ALA A 212 -20.70 25.51 -1.85
CA ALA A 212 -20.53 26.93 -2.08
C ALA A 212 -19.56 27.09 -3.25
N TYR A 213 -20.04 26.75 -4.45
CA TYR A 213 -19.21 26.68 -5.65
C TYR A 213 -18.37 27.93 -5.88
N SER B 3 7.47 -36.90 18.60
CA SER B 3 6.11 -36.40 18.75
C SER B 3 5.37 -36.40 17.42
N LEU B 4 4.04 -36.24 17.48
CA LEU B 4 3.21 -36.21 16.29
C LEU B 4 3.18 -34.84 15.64
N TYR B 5 3.38 -33.80 16.45
CA TYR B 5 3.37 -32.43 15.96
C TYR B 5 4.61 -32.16 15.14
N ASP B 6 5.77 -32.63 15.59
CA ASP B 6 7.01 -32.43 14.83
C ASP B 6 6.88 -33.09 13.45
N ILE B 7 6.46 -34.36 13.46
CA ILE B 7 6.30 -35.10 12.22
C ILE B 7 5.26 -34.45 11.31
N SER B 8 4.13 -34.01 11.86
CA SER B 8 3.09 -33.38 11.04
C SER B 8 3.57 -32.07 10.45
N CYS B 9 4.30 -31.30 11.25
CA CYS B 9 4.85 -30.01 10.83
C CYS B 9 5.77 -30.26 9.64
N PHE B 10 6.67 -31.22 9.77
CA PHE B 10 7.59 -31.52 8.69
C PHE B 10 6.83 -32.02 7.46
N ALA B 11 5.82 -32.86 7.66
CA ALA B 11 5.07 -33.41 6.54
C ALA B 11 4.38 -32.31 5.74
N ALA B 12 3.80 -31.35 6.46
CA ALA B 12 3.15 -30.20 5.83
C ALA B 12 4.13 -29.29 5.10
N GLY B 13 5.27 -29.03 5.74
CA GLY B 13 6.27 -28.17 5.14
C GLY B 13 6.83 -28.77 3.87
N LEU B 14 7.19 -30.04 3.96
CA LEU B 14 7.73 -30.75 2.81
C LEU B 14 6.69 -30.81 1.70
N ALA B 15 5.44 -31.13 2.06
CA ALA B 15 4.37 -31.25 1.07
C ALA B 15 4.25 -29.95 0.30
N GLY B 16 4.25 -28.85 1.05
CA GLY B 16 4.21 -27.54 0.44
C GLY B 16 5.40 -27.33 -0.47
N ASN B 17 6.57 -27.77 -0.04
CA ASN B 17 7.77 -27.63 -0.83
C ASN B 17 7.64 -28.35 -2.19
N ILE B 18 7.25 -29.62 -2.13
CA ILE B 18 7.13 -30.45 -3.32
C ILE B 18 6.06 -29.90 -4.28
N PHE B 19 4.92 -29.46 -3.74
CA PHE B 19 3.88 -28.85 -4.57
C PHE B 19 4.34 -27.55 -5.21
N ALA B 20 5.07 -26.77 -4.45
CA ALA B 20 5.59 -25.49 -4.90
C ALA B 20 6.57 -25.67 -6.04
N LEU B 21 7.33 -26.76 -5.97
CA LEU B 21 8.34 -27.05 -6.99
C LEU B 21 7.73 -26.96 -8.39
N ALA B 22 6.48 -27.39 -8.51
CA ALA B 22 5.78 -27.33 -9.79
C ALA B 22 5.56 -25.88 -10.19
N LEU B 23 5.21 -25.04 -9.23
CA LEU B 23 5.00 -23.63 -9.49
C LEU B 23 6.30 -22.96 -9.95
N PHE B 24 7.42 -23.32 -9.32
CA PHE B 24 8.69 -22.72 -9.72
C PHE B 24 9.13 -23.21 -11.09
N LEU B 25 8.72 -24.42 -11.45
CA LEU B 25 9.12 -24.99 -12.73
C LEU B 25 8.13 -24.66 -13.82
N SER B 26 7.07 -23.97 -13.44
CA SER B 26 6.02 -23.60 -14.39
C SER B 26 6.51 -22.78 -15.60
N PRO B 27 7.37 -21.75 -15.38
CA PRO B 27 7.79 -20.93 -16.53
C PRO B 27 8.87 -21.55 -17.41
N VAL B 28 9.19 -22.83 -17.18
CA VAL B 28 10.22 -23.52 -17.96
C VAL B 28 9.81 -23.66 -19.44
N THR B 29 8.50 -23.73 -19.71
CA THR B 29 8.00 -23.80 -21.08
C THR B 29 8.24 -22.47 -21.79
N THR B 30 7.91 -21.38 -21.10
CA THR B 30 8.10 -20.03 -21.64
C THR B 30 9.57 -19.75 -21.83
N PHE B 31 10.41 -20.24 -20.92
CA PHE B 31 11.84 -20.03 -21.05
C PHE B 31 12.47 -20.95 -22.11
N LYS B 32 11.87 -22.11 -22.35
CA LYS B 32 12.28 -22.96 -23.45
C LYS B 32 11.98 -22.25 -24.76
N ARG B 33 10.82 -21.61 -24.82
CA ARG B 33 10.38 -20.87 -26.00
C ARG B 33 11.20 -19.58 -26.15
N ILE B 34 11.65 -19.11 -25.03
CA ILE B 34 12.51 -17.93 -25.03
C ILE B 34 13.86 -18.37 -25.56
N LEU B 35 14.24 -19.58 -25.17
CA LEU B 35 15.52 -20.17 -25.51
C LEU B 35 15.57 -20.38 -27.02
N LYS B 36 14.46 -20.86 -27.57
CA LYS B 36 14.33 -21.02 -29.02
C LYS B 36 14.40 -19.66 -29.71
N ALA B 37 15.22 -19.58 -30.76
CA ALA B 37 15.37 -18.39 -31.58
C ALA B 37 15.98 -17.23 -30.80
N LYS B 38 16.51 -17.56 -29.62
CA LYS B 38 17.06 -16.60 -28.66
C LYS B 38 16.44 -15.21 -28.74
N SER B 39 15.13 -15.16 -28.49
CA SER B 39 14.39 -13.91 -28.48
C SER B 39 13.73 -13.66 -27.13
N THR B 40 13.89 -12.42 -26.53
CA THR B 40 13.01 -12.03 -25.43
C THR B 40 12.17 -10.86 -25.90
N GLU B 41 12.11 -10.67 -27.22
CA GLU B 41 11.30 -9.62 -27.81
C GLU B 41 9.84 -9.86 -27.45
N ARG B 42 9.39 -11.10 -27.63
CA ARG B 42 8.00 -11.47 -27.44
C ARG B 42 7.62 -11.63 -25.96
N PHE B 43 8.60 -11.85 -25.10
CA PHE B 43 8.34 -12.08 -23.67
C PHE B 43 9.03 -11.09 -22.72
N ASP B 44 8.36 -10.78 -21.62
CA ASP B 44 8.91 -9.97 -20.53
C ASP B 44 8.39 -10.58 -19.24
N GLY B 45 9.23 -10.81 -18.23
CA GLY B 45 10.64 -10.49 -18.19
C GLY B 45 10.88 -9.88 -16.81
N LEU B 46 10.04 -8.92 -16.46
CA LEU B 46 10.06 -8.32 -15.13
C LEU B 46 9.61 -9.24 -13.95
N PRO B 47 8.57 -10.09 -14.15
CA PRO B 47 8.03 -10.87 -13.02
C PRO B 47 9.05 -11.67 -12.27
N TYR B 48 10.11 -12.03 -12.96
CA TYR B 48 11.18 -12.77 -12.34
C TYR B 48 11.90 -11.89 -11.30
N LEU B 49 12.01 -10.60 -11.54
CA LEU B 49 12.57 -9.67 -10.53
C LEU B 49 11.69 -9.53 -9.28
N PHE B 50 10.40 -9.26 -9.50
CA PHE B 50 9.42 -9.08 -8.45
C PHE B 50 9.43 -10.36 -7.61
N SER B 51 9.41 -11.49 -8.31
CA SER B 51 9.45 -12.83 -7.71
C SER B 51 10.74 -13.15 -6.94
N LEU B 52 11.88 -12.71 -7.45
CA LEU B 52 13.13 -12.97 -6.75
C LEU B 52 13.18 -12.17 -5.46
N LEU B 53 12.71 -10.93 -5.52
CA LEU B 53 12.70 -10.09 -4.34
C LEU B 53 11.86 -10.76 -3.25
N ASN B 54 10.67 -11.19 -3.64
CA ASN B 54 9.77 -11.91 -2.74
C ASN B 54 10.42 -13.15 -2.14
N CYS B 55 11.00 -13.97 -3.00
CA CYS B 55 11.56 -15.23 -2.56
C CYS B 55 12.70 -14.98 -1.57
N LEU B 56 13.49 -13.95 -1.81
CA LEU B 56 14.57 -13.64 -0.87
C LEU B 56 14.05 -13.19 0.46
N ILE B 57 13.09 -12.28 0.47
CA ILE B 57 12.66 -11.79 1.78
C ILE B 57 12.00 -12.94 2.59
N CYS B 58 11.22 -13.80 1.93
CA CYS B 58 10.64 -14.94 2.64
C CYS B 58 11.73 -15.94 3.08
N LEU B 59 12.75 -16.10 2.23
CA LEU B 59 13.90 -16.95 2.57
C LEU B 59 14.61 -16.43 3.81
N TRP B 60 14.75 -15.11 3.90
CA TRP B 60 15.37 -14.53 5.07
C TRP B 60 14.53 -14.91 6.25
N TYR B 61 13.20 -14.75 6.14
CA TYR B 61 12.30 -15.10 7.26
C TYR B 61 12.50 -16.51 7.72
N GLY B 62 12.65 -17.42 6.76
CA GLY B 62 12.82 -18.83 7.07
C GLY B 62 14.07 -19.19 7.86
N LEU B 63 15.15 -18.46 7.60
CA LEU B 63 16.44 -18.75 8.23
C LEU B 63 16.37 -18.70 9.75
N PRO B 64 17.20 -19.49 10.42
CA PRO B 64 17.09 -19.62 11.88
C PRO B 64 17.35 -18.35 12.69
N TRP B 65 18.16 -17.40 12.22
CA TRP B 65 18.38 -16.20 13.06
C TRP B 65 17.11 -15.35 13.24
N VAL B 66 16.36 -15.10 12.18
CA VAL B 66 15.14 -14.30 12.32
C VAL B 66 13.97 -15.09 12.92
N ALA B 67 13.69 -16.27 12.35
CA ALA B 67 12.62 -17.13 12.86
C ALA B 67 13.09 -18.58 12.91
N ASP B 68 13.11 -19.15 14.12
CA ASP B 68 13.63 -20.49 14.29
C ASP B 68 12.56 -21.55 14.07
N GLY B 69 13.00 -22.71 13.59
CA GLY B 69 12.12 -23.86 13.42
C GLY B 69 11.17 -23.76 12.25
N ARG B 70 11.32 -22.69 11.47
CA ARG B 70 10.55 -22.56 10.24
C ARG B 70 11.50 -22.57 9.08
N LEU B 71 12.07 -23.74 8.88
CA LEU B 71 13.21 -23.96 8.00
C LEU B 71 12.74 -24.36 6.62
N LEU B 72 11.67 -25.13 6.54
CA LEU B 72 11.20 -25.64 5.26
C LEU B 72 10.77 -24.46 4.40
N VAL B 73 10.27 -23.40 5.04
CA VAL B 73 10.00 -22.16 4.33
C VAL B 73 11.28 -21.60 3.71
N ALA B 74 12.36 -21.65 4.47
CA ALA B 74 13.66 -21.20 3.96
C ALA B 74 14.15 -22.09 2.81
N THR B 75 13.85 -23.38 2.90
CA THR B 75 14.27 -24.31 1.88
C THR B 75 13.48 -24.04 0.58
N VAL B 76 12.14 -23.94 0.65
CA VAL B 76 11.35 -23.70 -0.56
C VAL B 76 11.71 -22.36 -1.18
N ASN B 77 11.81 -21.33 -0.35
CA ASN B 77 12.12 -20.01 -0.85
C ASN B 77 13.55 -19.91 -1.39
N GLY B 78 14.45 -20.72 -0.84
CA GLY B 78 15.82 -20.77 -1.31
C GLY B 78 15.98 -21.44 -2.67
N ILE B 79 15.46 -22.66 -2.80
CA ILE B 79 15.55 -23.39 -4.05
C ILE B 79 14.79 -22.60 -5.13
N GLY B 80 13.68 -22.00 -4.71
CA GLY B 80 12.90 -21.12 -5.57
C GLY B 80 13.68 -19.90 -6.03
N ALA B 81 14.37 -19.24 -5.10
CA ALA B 81 15.13 -18.04 -5.43
C ALA B 81 16.30 -18.38 -6.38
N VAL B 82 16.95 -19.51 -6.17
CA VAL B 82 17.99 -19.91 -7.08
C VAL B 82 17.39 -20.08 -8.47
N PHE B 83 16.27 -20.80 -8.57
CA PHE B 83 15.68 -20.97 -9.90
C PHE B 83 15.30 -19.67 -10.60
N GLN B 84 14.70 -18.76 -9.85
CA GLN B 84 14.29 -17.49 -10.43
C GLN B 84 15.53 -16.73 -10.88
N LEU B 85 16.61 -16.84 -10.10
CA LEU B 85 17.86 -16.14 -10.40
C LEU B 85 18.49 -16.68 -11.68
N ALA B 86 18.39 -18.00 -11.85
CA ALA B 86 18.85 -18.60 -13.09
C ALA B 86 18.04 -18.02 -14.24
N TYR B 87 16.73 -17.87 -14.04
CA TYR B 87 15.86 -17.35 -15.09
C TYR B 87 16.24 -15.94 -15.49
N ILE B 88 16.34 -15.04 -14.51
CA ILE B 88 16.65 -13.65 -14.85
C ILE B 88 18.04 -13.60 -15.48
N CYS B 89 18.97 -14.46 -15.06
CA CYS B 89 20.27 -14.49 -15.73
C CYS B 89 20.21 -14.90 -17.22
N LEU B 90 19.43 -15.95 -17.51
CA LEU B 90 19.31 -16.44 -18.89
C LEU B 90 18.72 -15.35 -19.74
N PHE B 91 17.70 -14.72 -19.17
CA PHE B 91 16.97 -13.65 -19.82
C PHE B 91 17.88 -12.46 -20.09
N ILE B 92 18.64 -12.09 -19.06
CA ILE B 92 19.44 -10.86 -19.01
C ILE B 92 20.53 -10.93 -20.05
N PHE B 93 21.10 -12.11 -20.28
CA PHE B 93 22.05 -12.19 -21.37
C PHE B 93 21.34 -12.37 -22.71
N TYR B 94 20.30 -13.19 -22.75
CA TYR B 94 19.57 -13.42 -24.00
C TYR B 94 18.56 -12.33 -24.35
N ALA B 95 18.54 -11.24 -23.59
CA ALA B 95 17.62 -10.14 -23.86
C ALA B 95 17.86 -9.51 -25.23
N ASP B 96 16.78 -9.23 -25.94
CA ASP B 96 16.82 -8.50 -27.20
C ASP B 96 16.78 -7.00 -26.92
N SER B 97 17.74 -6.26 -27.48
CA SER B 97 17.92 -4.80 -27.29
C SER B 97 18.55 -4.39 -25.95
N ARG B 98 19.36 -3.34 -26.00
CA ARG B 98 20.07 -2.84 -24.82
C ARG B 98 19.12 -2.33 -23.75
N LYS B 99 17.99 -1.76 -24.17
CA LYS B 99 17.03 -1.22 -23.22
C LYS B 99 16.54 -2.31 -22.27
N THR B 100 16.11 -3.43 -22.84
CA THR B 100 15.59 -4.53 -22.03
C THR B 100 16.66 -5.13 -21.13
N ARG B 101 17.81 -5.43 -21.72
CA ARG B 101 18.94 -6.01 -20.99
C ARG B 101 19.36 -5.15 -19.80
N MET B 102 19.58 -3.85 -20.05
CA MET B 102 20.00 -2.93 -19.00
C MET B 102 18.89 -2.69 -17.98
N LYS B 103 17.64 -2.71 -18.43
CA LYS B 103 16.52 -2.54 -17.51
C LYS B 103 16.55 -3.68 -16.49
N ILE B 104 16.63 -4.90 -17.00
CA ILE B 104 16.69 -6.06 -16.14
C ILE B 104 17.93 -6.02 -15.23
N ILE B 105 19.09 -5.62 -15.76
CA ILE B 105 20.31 -5.54 -14.93
C ILE B 105 20.13 -4.59 -13.76
N GLY B 106 19.56 -3.42 -14.07
CA GLY B 106 19.36 -2.39 -13.08
C GLY B 106 18.43 -2.88 -12.00
N LEU B 107 17.30 -3.46 -12.41
CA LEU B 107 16.34 -3.96 -11.45
C LEU B 107 16.95 -5.05 -10.60
N LEU B 108 17.82 -5.86 -11.18
CA LEU B 108 18.54 -6.90 -10.42
C LEU B 108 19.44 -6.30 -9.33
N VAL B 109 20.22 -5.30 -9.69
CA VAL B 109 21.05 -4.60 -8.73
C VAL B 109 20.20 -4.02 -7.61
N LEU B 110 19.06 -3.46 -8.01
CA LEU B 110 18.11 -2.85 -7.10
C LEU B 110 17.51 -3.82 -6.08
N VAL B 111 17.08 -4.97 -6.58
CA VAL B 111 16.52 -6.01 -5.73
C VAL B 111 17.55 -6.58 -4.79
N VAL B 112 18.72 -6.96 -5.32
CA VAL B 112 19.76 -7.55 -4.48
C VAL B 112 20.31 -6.59 -3.42
N CYS B 113 20.64 -5.37 -3.81
CA CYS B 113 21.15 -4.40 -2.85
C CYS B 113 20.05 -4.06 -1.83
N GLY B 114 18.80 -3.90 -2.31
CA GLY B 114 17.71 -3.55 -1.42
C GLY B 114 17.48 -4.65 -0.40
N PHE B 115 17.50 -5.88 -0.87
CA PHE B 115 17.31 -7.02 0.01
C PHE B 115 18.41 -7.11 1.04
N ALA B 116 19.63 -6.83 0.61
CA ALA B 116 20.76 -6.84 1.54
C ALA B 116 20.51 -5.81 2.62
N LEU B 117 20.02 -4.66 2.21
CA LEU B 117 19.73 -3.58 3.14
C LEU B 117 18.70 -4.01 4.18
N VAL B 118 17.57 -4.57 3.74
CA VAL B 118 16.52 -4.94 4.70
C VAL B 118 16.90 -6.12 5.61
N SER B 119 17.67 -7.07 5.08
CA SER B 119 18.14 -8.19 5.90
C SER B 119 19.11 -7.71 6.98
N HIS B 120 20.13 -6.97 6.53
CA HIS B 120 21.11 -6.41 7.45
C HIS B 120 20.46 -5.54 8.51
N ALA B 121 19.59 -4.64 8.08
CA ALA B 121 18.91 -3.77 9.02
C ALA B 121 18.12 -4.62 9.99
N SER B 122 17.52 -5.69 9.50
CA SER B 122 16.68 -6.55 10.33
C SER B 122 17.48 -7.15 11.46
N VAL B 123 18.64 -7.72 11.14
CA VAL B 123 19.46 -8.36 12.18
C VAL B 123 20.20 -7.33 13.07
N PHE B 124 20.52 -6.17 12.50
CA PHE B 124 21.26 -5.12 13.23
C PHE B 124 20.38 -4.36 14.20
N PHE B 125 19.37 -3.66 13.68
CA PHE B 125 18.52 -2.78 14.48
C PHE B 125 17.57 -3.52 15.40
N PHE B 126 17.22 -4.74 15.04
CA PHE B 126 16.20 -5.47 15.78
C PHE B 126 16.76 -6.67 16.52
N ASP B 127 16.44 -6.74 17.81
CA ASP B 127 16.75 -7.91 18.62
C ASP B 127 15.42 -8.60 18.91
N GLN B 128 15.47 -9.92 19.10
CA GLN B 128 14.28 -10.77 19.25
C GLN B 128 13.34 -10.31 20.36
N PRO B 129 12.03 -10.51 20.16
CA PRO B 129 11.40 -11.19 19.03
C PRO B 129 10.96 -10.24 17.93
N LEU B 130 11.20 -8.94 18.09
CA LEU B 130 10.67 -7.95 17.15
C LEU B 130 11.20 -8.21 15.76
N ARG B 131 12.42 -8.71 15.66
CA ARG B 131 12.98 -9.08 14.36
C ARG B 131 12.01 -9.95 13.59
N GLN B 132 11.60 -11.05 14.21
CA GLN B 132 10.70 -12.03 13.58
C GLN B 132 9.41 -11.35 13.15
N GLN B 133 8.95 -10.43 13.98
CA GLN B 133 7.73 -9.71 13.69
C GLN B 133 7.92 -8.79 12.46
N PHE B 134 9.07 -8.14 12.36
CA PHE B 134 9.38 -7.24 11.27
C PHE B 134 9.58 -7.98 9.96
N VAL B 135 10.53 -8.90 9.94
CA VAL B 135 10.82 -9.65 8.74
C VAL B 135 9.54 -10.37 8.31
N GLY B 136 8.74 -10.76 9.30
CA GLY B 136 7.46 -11.38 9.04
C GLY B 136 6.47 -10.49 8.34
N ALA B 137 6.28 -9.28 8.84
CA ALA B 137 5.32 -8.37 8.23
C ALA B 137 5.76 -8.03 6.80
N VAL B 138 7.04 -7.75 6.62
CA VAL B 138 7.59 -7.47 5.29
C VAL B 138 7.37 -8.65 4.34
N SER B 139 7.67 -9.84 4.81
CA SER B 139 7.51 -11.06 4.02
C SER B 139 6.04 -11.28 3.64
N MET B 140 5.15 -11.20 4.63
CA MET B 140 3.72 -11.40 4.45
C MET B 140 3.19 -10.40 3.45
N ALA B 141 3.69 -9.19 3.57
CA ALA B 141 3.31 -8.16 2.63
C ALA B 141 3.70 -8.56 1.23
N SER B 142 4.93 -9.06 1.07
CA SER B 142 5.39 -9.44 -0.25
C SER B 142 4.54 -10.57 -0.85
N LEU B 143 4.42 -11.66 -0.11
CA LEU B 143 3.67 -12.81 -0.59
C LEU B 143 2.24 -12.42 -0.95
N ILE B 144 1.59 -11.63 -0.11
CA ILE B 144 0.21 -11.22 -0.41
C ILE B 144 0.21 -10.36 -1.66
N SER B 145 1.26 -9.56 -1.87
CA SER B 145 1.34 -8.72 -3.06
C SER B 145 1.43 -9.57 -4.32
N MET B 146 2.12 -10.72 -4.24
CA MET B 146 2.30 -11.57 -5.43
C MET B 146 0.96 -11.95 -6.04
N PHE B 147 -0.03 -12.15 -5.17
CA PHE B 147 -1.36 -12.66 -5.57
C PHE B 147 -2.02 -11.83 -6.67
N ALA B 148 -1.46 -10.68 -6.99
CA ALA B 148 -2.04 -9.81 -7.99
C ALA B 148 -2.13 -10.48 -9.35
N SER B 149 -1.10 -11.24 -9.70
CA SER B 149 -1.06 -11.87 -11.02
C SER B 149 -2.12 -12.95 -11.24
N PRO B 150 -2.23 -13.93 -10.33
CA PRO B 150 -3.29 -14.94 -10.50
C PRO B 150 -4.70 -14.38 -10.43
N LEU B 151 -4.91 -13.39 -9.59
CA LEU B 151 -6.21 -12.75 -9.51
C LEU B 151 -6.50 -12.14 -10.90
N ALA B 152 -5.46 -11.56 -11.48
CA ALA B 152 -5.57 -10.89 -12.77
C ALA B 152 -5.93 -11.87 -13.87
N VAL B 153 -5.25 -13.02 -13.89
CA VAL B 153 -5.54 -14.04 -14.89
C VAL B 153 -6.90 -14.68 -14.66
N MET B 154 -7.37 -14.69 -13.42
CA MET B 154 -8.74 -15.11 -13.14
C MET B 154 -9.68 -14.14 -13.84
N GLY B 155 -9.34 -12.86 -13.76
CA GLY B 155 -10.10 -11.86 -14.47
C GLY B 155 -10.11 -12.10 -15.97
N VAL B 156 -8.94 -12.39 -16.53
CA VAL B 156 -8.80 -12.64 -17.95
C VAL B 156 -9.62 -13.85 -18.37
N VAL B 157 -9.62 -14.87 -17.54
CA VAL B 157 -10.40 -16.06 -17.82
C VAL B 157 -11.88 -15.70 -17.83
N ILE B 158 -12.36 -14.98 -16.82
CA ILE B 158 -13.76 -14.60 -16.81
C ILE B 158 -14.16 -13.76 -18.02
N ARG B 159 -13.34 -12.77 -18.37
CA ARG B 159 -13.64 -11.87 -19.48
C ARG B 159 -13.58 -12.56 -20.84
N SER B 160 -12.61 -13.44 -21.01
CA SER B 160 -12.43 -14.14 -22.28
C SER B 160 -13.23 -15.43 -22.36
N GLU B 161 -13.93 -15.75 -21.28
CA GLU B 161 -14.66 -17.01 -21.13
C GLU B 161 -13.78 -18.22 -21.48
N SER B 162 -12.47 -18.01 -21.55
CA SER B 162 -11.53 -19.06 -21.91
C SER B 162 -10.55 -19.38 -20.78
N VAL B 163 -10.18 -20.65 -20.66
CA VAL B 163 -9.20 -21.05 -19.67
C VAL B 163 -7.83 -21.24 -20.31
N GLU B 164 -7.58 -20.48 -21.39
CA GLU B 164 -6.33 -20.57 -22.14
C GLU B 164 -5.14 -20.28 -21.25
N PHE B 165 -5.27 -19.27 -20.39
CA PHE B 165 -4.18 -18.82 -19.54
C PHE B 165 -4.33 -19.30 -18.11
N MET B 166 -4.95 -20.45 -17.95
CA MET B 166 -5.14 -21.03 -16.63
C MET B 166 -5.14 -22.55 -16.74
N PRO B 167 -3.95 -23.14 -16.59
CA PRO B 167 -3.82 -24.60 -16.69
C PRO B 167 -4.21 -25.28 -15.39
N PHE B 168 -4.96 -26.38 -15.48
CA PHE B 168 -5.46 -27.03 -14.28
C PHE B 168 -4.33 -27.62 -13.46
N TYR B 169 -3.34 -28.20 -14.12
CA TYR B 169 -2.23 -28.82 -13.40
C TYR B 169 -1.56 -27.83 -12.45
N LEU B 170 -1.24 -26.66 -12.99
CA LEU B 170 -0.61 -25.59 -12.23
C LEU B 170 -1.53 -25.06 -11.15
N SER B 171 -2.78 -24.79 -11.52
CA SER B 171 -3.72 -24.18 -10.60
C SER B 171 -3.90 -25.11 -9.39
N LEU B 172 -4.09 -26.40 -9.66
CA LEU B 172 -4.25 -27.39 -8.60
C LEU B 172 -2.99 -27.53 -7.77
N SER B 173 -1.83 -27.60 -8.42
CA SER B 173 -0.58 -27.73 -7.68
C SER B 173 -0.35 -26.58 -6.70
N THR B 174 -0.58 -25.36 -7.17
CA THR B 174 -0.42 -24.16 -6.35
C THR B 174 -1.47 -24.10 -5.25
N PHE B 175 -2.68 -24.57 -5.56
CA PHE B 175 -3.71 -24.72 -4.54
C PHE B 175 -3.21 -25.61 -3.41
N LEU B 176 -2.59 -26.72 -3.79
CA LEU B 176 -2.03 -27.64 -2.83
C LEU B 176 -0.88 -27.05 -2.01
N MET B 177 0.01 -26.29 -2.64
CA MET B 177 1.12 -25.71 -1.87
C MET B 177 0.57 -24.69 -0.89
N SER B 178 -0.39 -23.89 -1.34
CA SER B 178 -0.99 -22.89 -0.46
C SER B 178 -1.66 -23.59 0.71
N ALA B 179 -2.40 -24.65 0.42
CA ALA B 179 -3.09 -25.40 1.47
C ALA B 179 -2.10 -25.94 2.46
N SER B 180 -1.03 -26.52 1.92
CA SER B 180 -0.02 -27.14 2.74
C SER B 180 0.66 -26.16 3.67
N PHE B 181 1.16 -25.05 3.13
CA PHE B 181 1.85 -24.06 3.95
C PHE B 181 0.91 -23.35 4.91
N ALA B 182 -0.36 -23.25 4.51
CA ALA B 182 -1.38 -22.71 5.39
C ALA B 182 -1.49 -23.63 6.61
N LEU B 183 -1.46 -24.93 6.35
CA LEU B 183 -1.48 -25.94 7.38
C LEU B 183 -0.24 -25.84 8.25
N TYR B 184 0.88 -25.52 7.61
CA TYR B 184 2.17 -25.41 8.25
C TYR B 184 2.20 -24.30 9.29
N GLY B 185 1.78 -23.11 8.87
CA GLY B 185 1.72 -21.98 9.76
C GLY B 185 0.67 -22.22 10.82
N LEU B 186 -0.40 -22.88 10.43
CA LEU B 186 -1.50 -23.12 11.34
C LEU B 186 -1.00 -24.00 12.48
N LEU B 187 -0.25 -25.05 12.14
CA LEU B 187 0.32 -25.94 13.14
C LEU B 187 1.34 -25.21 13.98
N LEU B 188 2.19 -24.42 13.32
CA LEU B 188 3.17 -23.62 14.03
C LEU B 188 2.52 -22.49 14.82
N ARG B 189 1.27 -22.17 14.51
CA ARG B 189 0.56 -21.06 15.16
C ARG B 189 1.27 -19.76 14.80
N ASP B 190 1.95 -19.81 13.65
CA ASP B 190 2.60 -18.66 13.03
C ASP B 190 1.67 -17.95 12.06
N PHE B 191 1.27 -16.76 12.45
CA PHE B 191 0.36 -15.98 11.65
C PHE B 191 0.97 -15.65 10.29
N PHE B 192 2.25 -15.28 10.31
CA PHE B 192 2.93 -14.80 9.12
C PHE B 192 3.00 -15.83 8.00
N ILE B 193 3.09 -17.10 8.40
CA ILE B 193 3.06 -18.19 7.44
C ILE B 193 1.62 -18.47 6.99
N TYR B 194 0.72 -18.61 7.96
CA TYR B 194 -0.67 -18.99 7.71
C TYR B 194 -1.47 -18.00 6.87
N PHE B 195 -1.43 -16.73 7.23
CA PHE B 195 -2.32 -15.78 6.61
C PHE B 195 -2.14 -15.70 5.09
N PRO B 196 -0.92 -15.35 4.60
CA PRO B 196 -0.85 -15.22 3.15
C PRO B 196 -1.13 -16.51 2.39
N ASN B 197 -0.62 -17.64 2.87
CA ASN B 197 -0.87 -18.91 2.21
C ASN B 197 -2.33 -19.35 2.29
N GLY B 198 -3.03 -18.96 3.35
CA GLY B 198 -4.46 -19.20 3.49
C GLY B 198 -5.26 -18.37 2.50
N LEU B 199 -4.81 -17.14 2.34
CA LEU B 199 -5.39 -16.22 1.38
C LEU B 199 -5.20 -16.78 -0.02
N GLY B 200 -4.03 -17.37 -0.21
CA GLY B 200 -3.69 -18.06 -1.44
C GLY B 200 -4.52 -19.30 -1.66
N LEU B 201 -4.87 -19.98 -0.57
CA LEU B 201 -5.70 -21.18 -0.60
C LEU B 201 -7.08 -20.80 -1.11
N ILE B 202 -7.57 -19.66 -0.64
CA ILE B 202 -8.86 -19.15 -1.12
C ILE B 202 -8.76 -18.86 -2.63
N LEU B 203 -7.70 -18.16 -3.02
CA LEU B 203 -7.51 -17.77 -4.42
C LEU B 203 -7.40 -18.99 -5.34
N GLY B 204 -6.65 -19.99 -4.91
CA GLY B 204 -6.51 -21.23 -5.63
C GLY B 204 -7.83 -21.98 -5.74
N ALA B 205 -8.60 -21.97 -4.66
CA ALA B 205 -9.93 -22.61 -4.67
C ALA B 205 -10.88 -21.96 -5.67
N MET B 206 -10.93 -20.63 -5.67
CA MET B 206 -11.74 -19.89 -6.65
C MET B 206 -11.25 -20.17 -8.04
N GLN B 207 -9.93 -20.23 -8.21
CA GLN B 207 -9.32 -20.47 -9.51
C GLN B 207 -9.74 -21.83 -10.05
N LEU B 208 -9.64 -22.86 -9.21
CA LEU B 208 -10.05 -24.20 -9.60
C LEU B 208 -11.54 -24.21 -9.92
N ALA B 209 -12.34 -23.54 -9.10
CA ALA B 209 -13.77 -23.48 -9.37
C ALA B 209 -14.10 -22.83 -10.71
N LEU B 210 -13.49 -21.68 -10.99
CA LEU B 210 -13.73 -20.97 -12.25
C LEU B 210 -13.24 -21.81 -13.41
N TYR B 211 -12.18 -22.56 -13.16
CA TYR B 211 -11.67 -23.48 -14.16
C TYR B 211 -12.73 -24.52 -14.44
N ALA B 212 -13.38 -25.03 -13.40
CA ALA B 212 -14.43 -26.02 -13.56
C ALA B 212 -15.60 -25.47 -14.35
N TYR B 213 -16.01 -24.26 -13.98
CA TYR B 213 -17.16 -23.61 -14.60
C TYR B 213 -16.92 -23.41 -16.10
N TYR B 214 -15.75 -22.88 -16.45
CA TYR B 214 -15.48 -22.52 -17.84
C TYR B 214 -14.89 -23.63 -18.71
N SER B 215 -14.29 -24.64 -18.09
CA SER B 215 -13.75 -25.78 -18.82
C SER B 215 -14.84 -26.67 -19.41
N SER B 216 -15.91 -26.88 -18.63
CA SER B 216 -16.96 -27.84 -18.97
C SER B 216 -17.50 -27.66 -20.40
N ASN B 217 -17.51 -26.41 -20.86
CA ASN B 217 -17.87 -26.10 -22.24
C ASN B 217 -17.01 -24.97 -22.80
N TYR C 5 32.78 11.02 19.18
CA TYR C 5 31.69 10.17 18.68
C TYR C 5 30.43 10.98 18.43
N ASP C 6 30.06 11.81 19.41
CA ASP C 6 28.91 12.71 19.30
C ASP C 6 29.13 13.73 18.19
N ILE C 7 30.33 14.32 18.20
CA ILE C 7 30.72 15.37 17.27
C ILE C 7 30.59 14.89 15.82
N SER C 8 31.00 13.65 15.56
CA SER C 8 30.91 13.11 14.21
C SER C 8 29.46 12.98 13.78
N CYS C 9 28.59 12.56 14.70
CA CYS C 9 27.16 12.42 14.43
C CYS C 9 26.57 13.77 14.04
N PHE C 10 26.85 14.78 14.85
CA PHE C 10 26.32 16.12 14.61
C PHE C 10 26.83 16.66 13.28
N ALA C 11 28.12 16.47 13.02
CA ALA C 11 28.73 16.94 11.79
C ALA C 11 28.08 16.27 10.58
N ALA C 12 27.80 14.98 10.73
CA ALA C 12 27.13 14.23 9.67
C ALA C 12 25.76 14.83 9.40
N GLY C 13 25.06 15.19 10.48
CA GLY C 13 23.74 15.77 10.32
C GLY C 13 23.79 17.09 9.58
N LEU C 14 24.72 17.95 9.98
CA LEU C 14 24.84 19.26 9.32
C LEU C 14 25.17 19.05 7.84
N ALA C 15 26.10 18.16 7.55
CA ALA C 15 26.51 17.87 6.18
C ALA C 15 25.34 17.38 5.33
N GLY C 16 24.58 16.44 5.87
CA GLY C 16 23.43 15.93 5.15
C GLY C 16 22.40 17.00 4.86
N ASN C 17 22.15 17.84 5.87
CA ASN C 17 21.18 18.91 5.74
C ASN C 17 21.56 19.89 4.62
N ILE C 18 22.79 20.38 4.70
CA ILE C 18 23.32 21.33 3.74
C ILE C 18 23.30 20.71 2.35
N PHE C 19 23.58 19.41 2.28
CA PHE C 19 23.48 18.69 1.02
C PHE C 19 22.05 18.68 0.49
N ALA C 20 21.07 18.58 1.40
CA ALA C 20 19.67 18.59 0.98
C ALA C 20 19.33 19.92 0.34
N LEU C 21 19.94 20.98 0.87
CA LEU C 21 19.72 22.32 0.31
C LEU C 21 19.96 22.35 -1.21
N ALA C 22 20.95 21.58 -1.66
CA ALA C 22 21.28 21.48 -3.09
C ALA C 22 20.18 20.78 -3.90
N LEU C 23 19.60 19.74 -3.33
CA LEU C 23 18.51 19.01 -3.98
C LEU C 23 17.31 19.93 -4.14
N PHE C 24 17.12 20.78 -3.14
CA PHE C 24 16.00 21.73 -3.14
C PHE C 24 16.05 22.76 -4.27
N LEU C 25 17.22 22.96 -4.86
CA LEU C 25 17.39 23.95 -5.93
C LEU C 25 17.04 23.34 -7.29
N SER C 26 16.75 22.04 -7.30
CA SER C 26 16.41 21.32 -8.53
C SER C 26 15.14 21.79 -9.29
N PRO C 27 14.02 22.08 -8.59
CA PRO C 27 12.83 22.40 -9.38
C PRO C 27 12.82 23.83 -9.94
N VAL C 28 13.91 24.56 -9.79
CA VAL C 28 13.99 25.94 -10.24
C VAL C 28 13.81 26.07 -11.75
N THR C 29 14.09 24.99 -12.49
CA THR C 29 14.00 25.02 -13.95
C THR C 29 12.59 25.27 -14.49
N THR C 30 11.61 24.55 -13.96
CA THR C 30 10.22 24.76 -14.35
C THR C 30 9.74 26.13 -13.89
N PHE C 31 10.31 26.59 -12.77
CA PHE C 31 9.94 27.87 -12.18
C PHE C 31 10.47 29.05 -12.99
N LYS C 32 11.56 28.83 -13.73
CA LYS C 32 12.02 29.82 -14.70
C LYS C 32 10.97 29.91 -15.81
N ARG C 33 10.47 28.75 -16.20
CA ARG C 33 9.49 28.59 -17.27
C ARG C 33 8.08 29.13 -16.98
N ILE C 34 7.79 29.47 -15.73
CA ILE C 34 6.44 29.92 -15.34
C ILE C 34 5.99 31.28 -15.90
N LEU C 35 6.92 32.20 -16.15
CA LEU C 35 6.51 33.55 -16.54
C LEU C 35 5.67 33.51 -17.81
N LYS C 36 6.08 32.72 -18.79
CA LYS C 36 5.28 32.55 -20.01
C LYS C 36 3.96 31.88 -19.69
N ALA C 37 4.04 30.67 -19.12
CA ALA C 37 2.87 29.92 -18.71
C ALA C 37 3.26 28.84 -17.70
N LYS C 38 2.37 28.56 -16.75
CA LYS C 38 2.67 27.62 -15.68
C LYS C 38 1.69 26.47 -15.64
N SER C 39 2.05 25.36 -16.29
CA SER C 39 1.18 24.19 -16.29
C SER C 39 1.85 22.97 -15.59
N THR C 40 3.10 22.61 -15.89
CA THR C 40 3.88 23.02 -17.06
C THR C 40 3.54 21.96 -18.11
N GLU C 41 3.56 22.32 -19.39
CA GLU C 41 3.23 21.37 -20.44
C GLU C 41 4.17 20.17 -20.36
N ARG C 42 3.58 18.98 -20.43
CA ARG C 42 4.26 17.69 -20.26
C ARG C 42 4.46 17.35 -18.78
N PHE C 43 4.34 18.35 -17.91
CA PHE C 43 4.60 18.17 -16.48
C PHE C 43 3.34 18.38 -15.63
N ASP C 44 3.38 17.87 -14.40
CA ASP C 44 2.25 17.95 -13.49
C ASP C 44 2.59 18.57 -12.13
N GLY C 45 1.70 19.44 -11.67
CA GLY C 45 1.83 20.24 -10.46
C GLY C 45 1.86 19.58 -9.09
N LEU C 46 1.09 18.51 -8.91
CA LEU C 46 0.98 17.83 -7.61
C LEU C 46 2.24 17.35 -6.91
N PRO C 47 3.27 16.88 -7.66
CA PRO C 47 4.37 16.34 -6.84
C PRO C 47 4.96 17.28 -5.82
N TYR C 48 5.02 18.58 -6.12
CA TYR C 48 5.62 19.49 -5.16
C TYR C 48 4.78 19.48 -3.91
N LEU C 49 3.48 19.41 -4.11
CA LEU C 49 2.54 19.36 -2.99
C LEU C 49 2.79 18.10 -2.17
N PHE C 50 2.89 17.00 -2.89
CA PHE C 50 3.15 15.70 -2.28
C PHE C 50 4.41 15.78 -1.47
N SER C 51 5.45 16.37 -2.06
CA SER C 51 6.73 16.42 -1.36
C SER C 51 6.58 17.16 -0.04
N LEU C 52 5.81 18.25 -0.04
CA LEU C 52 5.66 19.03 1.17
C LEU C 52 4.95 18.22 2.24
N LEU C 53 3.94 17.44 1.83
CA LEU C 53 3.23 16.63 2.82
C LEU C 53 4.26 15.79 3.52
N ASN C 54 5.10 15.13 2.72
CA ASN C 54 6.13 14.27 3.28
C ASN C 54 6.98 15.04 4.27
N CYS C 55 7.48 16.19 3.84
CA CYS C 55 8.42 16.97 4.64
C CYS C 55 7.77 17.43 5.92
N LEU C 56 6.46 17.61 5.88
CA LEU C 56 5.74 17.99 7.08
C LEU C 56 5.77 16.89 8.12
N ILE C 57 5.41 15.68 7.70
CA ILE C 57 5.28 14.57 8.64
C ILE C 57 6.65 14.23 9.20
N CYS C 58 7.67 14.32 8.36
CA CYS C 58 9.04 14.07 8.80
C CYS C 58 9.45 15.14 9.80
N LEU C 59 9.04 16.38 9.53
CA LEU C 59 9.35 17.48 10.44
C LEU C 59 8.71 17.14 11.78
N TRP C 60 7.51 16.55 11.72
CA TRP C 60 6.83 16.18 12.96
C TRP C 60 7.67 15.19 13.73
N TYR C 61 8.25 14.22 13.02
CA TYR C 61 9.12 13.23 13.64
C TYR C 61 10.28 13.97 14.31
N GLY C 62 10.82 14.96 13.61
CA GLY C 62 11.98 15.67 14.10
C GLY C 62 11.81 16.39 15.41
N LEU C 63 10.61 16.91 15.67
CA LEU C 63 10.35 17.70 16.85
C LEU C 63 10.65 16.88 18.13
N PRO C 64 11.12 17.55 19.21
CA PRO C 64 11.58 16.91 20.46
C PRO C 64 10.55 16.15 21.27
N TRP C 65 9.27 16.52 21.19
CA TRP C 65 8.22 15.81 21.92
C TRP C 65 8.04 14.37 21.42
N VAL C 66 8.06 14.20 20.09
CA VAL C 66 7.86 12.88 19.49
C VAL C 66 9.04 11.95 19.72
N ALA C 67 10.24 12.41 19.38
CA ALA C 67 11.45 11.61 19.57
C ALA C 67 12.57 12.44 20.18
N ASP C 68 13.09 12.00 21.31
CA ASP C 68 14.13 12.75 22.03
C ASP C 68 15.50 12.43 21.43
N GLY C 69 16.38 13.42 21.42
CA GLY C 69 17.73 13.24 20.91
C GLY C 69 17.80 13.22 19.40
N ARG C 70 16.68 13.51 18.76
CA ARG C 70 16.60 13.58 17.30
C ARG C 70 16.29 14.98 16.75
N LEU C 71 17.27 15.89 16.79
CA LEU C 71 17.02 17.31 16.52
C LEU C 71 17.18 17.73 15.05
N LEU C 72 18.22 17.21 14.39
CA LEU C 72 18.63 17.70 13.07
C LEU C 72 17.64 17.44 11.92
N VAL C 73 16.97 16.29 11.93
CA VAL C 73 15.98 15.97 10.90
C VAL C 73 14.88 17.04 10.88
N ALA C 74 14.51 17.52 12.06
CA ALA C 74 13.53 18.60 12.18
C ALA C 74 14.03 19.85 11.46
N THR C 75 15.35 20.05 11.52
CA THR C 75 15.93 21.21 10.86
C THR C 75 15.85 21.07 9.35
N VAL C 76 16.36 19.97 8.81
CA VAL C 76 16.38 19.81 7.35
C VAL C 76 14.97 19.78 6.75
N ASN C 77 14.10 18.98 7.36
CA ASN C 77 12.71 18.90 6.90
C ASN C 77 11.95 20.19 7.17
N GLY C 78 12.37 20.95 8.17
CA GLY C 78 11.72 22.23 8.40
C GLY C 78 12.02 23.23 7.31
N ILE C 79 13.31 23.51 7.08
CA ILE C 79 13.65 24.49 6.04
C ILE C 79 13.20 23.99 4.67
N GLY C 80 13.30 22.68 4.45
CA GLY C 80 12.83 22.09 3.22
C GLY C 80 11.34 22.29 3.01
N ALA C 81 10.56 22.05 4.06
CA ALA C 81 9.10 22.17 3.98
C ALA C 81 8.68 23.60 3.71
N VAL C 82 9.34 24.53 4.39
CA VAL C 82 9.05 25.95 4.18
C VAL C 82 9.32 26.35 2.72
N PHE C 83 10.50 25.96 2.23
CA PHE C 83 10.87 26.27 0.86
C PHE C 83 9.87 25.65 -0.14
N GLN C 84 9.36 24.45 0.14
CA GLN C 84 8.31 23.83 -0.67
C GLN C 84 7.02 24.65 -0.67
N LEU C 85 6.73 25.20 0.51
CA LEU C 85 5.51 25.94 0.76
C LEU C 85 5.51 27.15 -0.14
N ALA C 86 6.70 27.72 -0.27
CA ALA C 86 6.87 28.84 -1.17
C ALA C 86 6.50 28.42 -2.59
N TYR C 87 6.90 27.23 -2.99
CA TYR C 87 6.62 26.76 -4.35
C TYR C 87 5.13 26.66 -4.61
N ILE C 88 4.41 25.95 -3.74
CA ILE C 88 2.97 25.78 -4.02
C ILE C 88 2.24 27.13 -3.98
N CYS C 89 2.65 28.00 -3.05
CA CYS C 89 2.06 29.34 -2.95
C CYS C 89 2.26 30.12 -4.25
N LEU C 90 3.46 30.01 -4.82
CA LEU C 90 3.77 30.66 -6.09
C LEU C 90 2.92 30.06 -7.21
N PHE C 91 2.77 28.75 -7.20
CA PHE C 91 2.02 28.07 -8.25
C PHE C 91 0.55 28.46 -8.30
N ILE C 92 -0.13 28.51 -7.16
CA ILE C 92 -1.58 28.63 -7.20
C ILE C 92 -2.17 29.90 -7.82
N PHE C 93 -1.56 31.07 -7.64
CA PHE C 93 -2.08 32.28 -8.31
C PHE C 93 -1.66 32.27 -9.77
N TYR C 94 -0.42 31.87 -10.03
CA TYR C 94 0.09 31.80 -11.40
C TYR C 94 -0.35 30.52 -12.10
N ALA C 95 -1.24 29.76 -11.45
CA ALA C 95 -1.79 28.54 -12.02
C ALA C 95 -2.54 28.84 -13.31
N ASP C 96 -2.38 27.98 -14.32
CA ASP C 96 -3.12 28.12 -15.57
C ASP C 96 -4.50 27.46 -15.48
N SER C 97 -5.54 28.25 -15.76
CA SER C 97 -6.96 27.88 -15.68
C SER C 97 -7.40 27.83 -14.21
N ARG C 98 -8.62 28.26 -13.95
CA ARG C 98 -9.15 28.31 -12.59
C ARG C 98 -9.29 26.91 -12.00
N LYS C 99 -9.57 25.94 -12.86
CA LYS C 99 -9.73 24.55 -12.44
C LYS C 99 -8.46 24.02 -11.77
N THR C 100 -7.31 24.29 -12.39
CA THR C 100 -6.02 23.89 -11.86
C THR C 100 -5.75 24.59 -10.54
N ARG C 101 -6.03 25.89 -10.54
CA ARG C 101 -5.88 26.74 -9.38
C ARG C 101 -6.60 26.15 -8.17
N MET C 102 -7.87 25.84 -8.38
CA MET C 102 -8.73 25.31 -7.33
C MET C 102 -8.34 23.90 -6.91
N LYS C 103 -7.90 23.09 -7.86
CA LYS C 103 -7.49 21.74 -7.53
C LYS C 103 -6.26 21.77 -6.64
N ILE C 104 -5.22 22.48 -7.07
CA ILE C 104 -3.98 22.55 -6.30
C ILE C 104 -4.22 23.19 -4.93
N ILE C 105 -4.99 24.27 -4.88
CA ILE C 105 -5.30 24.90 -3.58
C ILE C 105 -6.03 23.91 -2.68
N GLY C 106 -6.98 23.18 -3.25
CA GLY C 106 -7.76 22.22 -2.48
C GLY C 106 -6.89 21.12 -1.89
N LEU C 107 -6.04 20.54 -2.73
CA LEU C 107 -5.14 19.49 -2.30
C LEU C 107 -4.20 20.03 -1.23
N LEU C 108 -3.82 21.30 -1.35
CA LEU C 108 -3.02 21.96 -0.31
C LEU C 108 -3.75 22.03 1.03
N VAL C 109 -5.02 22.42 0.99
CA VAL C 109 -5.86 22.46 2.17
C VAL C 109 -5.91 21.08 2.81
N LEU C 110 -6.01 20.06 1.95
CA LEU C 110 -6.02 18.66 2.38
C LEU C 110 -4.77 18.30 3.15
N VAL C 111 -3.64 18.66 2.57
CA VAL C 111 -2.35 18.34 3.16
C VAL C 111 -2.16 19.05 4.52
N VAL C 112 -2.41 20.35 4.56
CA VAL C 112 -2.20 21.08 5.79
C VAL C 112 -3.13 20.60 6.91
N CYS C 113 -4.41 20.50 6.59
CA CYS C 113 -5.40 20.11 7.58
C CYS C 113 -5.15 18.67 8.05
N GLY C 114 -4.82 17.79 7.11
CA GLY C 114 -4.55 16.39 7.43
C GLY C 114 -3.32 16.22 8.31
N PHE C 115 -2.24 16.92 7.97
CA PHE C 115 -1.02 16.87 8.77
C PHE C 115 -1.30 17.38 10.17
N ALA C 116 -2.11 18.43 10.28
CA ALA C 116 -2.52 18.92 11.60
C ALA C 116 -3.25 17.79 12.35
N LEU C 117 -4.10 17.07 11.62
CA LEU C 117 -4.85 15.96 12.20
C LEU C 117 -3.95 14.86 12.75
N VAL C 118 -2.99 14.39 11.96
CA VAL C 118 -2.10 13.31 12.38
C VAL C 118 -1.12 13.78 13.44
N SER C 119 -0.76 15.07 13.42
CA SER C 119 0.12 15.61 14.45
C SER C 119 -0.62 15.53 15.78
N HIS C 120 -1.82 16.10 15.77
CA HIS C 120 -2.69 16.12 16.94
C HIS C 120 -3.01 14.74 17.47
N ALA C 121 -3.42 13.84 16.59
CA ALA C 121 -3.75 12.49 16.99
C ALA C 121 -2.51 11.80 17.55
N SER C 122 -1.35 12.08 16.95
CA SER C 122 -0.10 11.48 17.39
C SER C 122 0.26 11.87 18.81
N VAL C 123 0.19 13.17 19.09
CA VAL C 123 0.56 13.68 20.41
C VAL C 123 -0.50 13.34 21.46
N PHE C 124 -1.77 13.30 21.07
CA PHE C 124 -2.84 12.99 22.01
C PHE C 124 -2.95 11.49 22.32
N PHE C 125 -3.24 10.69 21.31
CA PHE C 125 -3.57 9.26 21.48
C PHE C 125 -2.40 8.37 21.90
N PHE C 126 -1.18 8.76 21.55
CA PHE C 126 -0.02 7.91 21.76
C PHE C 126 0.93 8.43 22.83
N ASP C 127 1.30 7.53 23.73
CA ASP C 127 2.30 7.83 24.74
C ASP C 127 3.59 7.07 24.41
N GLN C 128 4.72 7.62 24.85
CA GLN C 128 6.04 7.06 24.58
C GLN C 128 6.08 5.62 25.13
N PRO C 129 6.79 4.71 24.44
CA PRO C 129 7.60 4.95 23.25
C PRO C 129 6.83 4.79 21.95
N LEU C 130 5.53 4.47 22.08
CA LEU C 130 4.68 4.16 20.93
C LEU C 130 4.58 5.31 19.95
N ARG C 131 4.47 6.51 20.47
CA ARG C 131 4.37 7.72 19.66
C ARG C 131 5.53 7.78 18.66
N GLN C 132 6.76 7.63 19.14
CA GLN C 132 7.93 7.65 18.26
C GLN C 132 7.88 6.58 17.19
N GLN C 133 7.40 5.40 17.57
CA GLN C 133 7.32 4.27 16.66
C GLN C 133 6.33 4.55 15.54
N PHE C 134 5.20 5.14 15.92
CA PHE C 134 4.12 5.44 14.97
C PHE C 134 4.52 6.54 14.00
N VAL C 135 4.90 7.70 14.54
CA VAL C 135 5.29 8.82 13.70
C VAL C 135 6.47 8.39 12.84
N GLY C 136 7.30 7.52 13.39
CA GLY C 136 8.42 6.96 12.66
C GLY C 136 7.97 6.13 11.48
N ALA C 137 7.02 5.24 11.72
CA ALA C 137 6.54 4.36 10.67
C ALA C 137 5.94 5.19 9.55
N VAL C 138 5.10 6.15 9.91
CA VAL C 138 4.51 7.03 8.90
C VAL C 138 5.60 7.77 8.11
N SER C 139 6.60 8.27 8.81
CA SER C 139 7.70 9.02 8.16
C SER C 139 8.46 8.17 7.15
N MET C 140 8.83 6.97 7.58
CA MET C 140 9.54 6.02 6.73
C MET C 140 8.70 5.68 5.51
N ALA C 141 7.40 5.51 5.74
CA ALA C 141 6.47 5.22 4.64
C ALA C 141 6.46 6.32 3.60
N SER C 142 6.44 7.57 4.07
CA SER C 142 6.45 8.71 3.16
C SER C 142 7.74 8.77 2.36
N LEU C 143 8.86 8.69 3.05
CA LEU C 143 10.17 8.79 2.39
C LEU C 143 10.32 7.71 1.34
N ILE C 144 9.88 6.50 1.68
CA ILE C 144 9.92 5.39 0.75
C ILE C 144 8.98 5.64 -0.43
N SER C 145 7.83 6.25 -0.17
CA SER C 145 6.86 6.52 -1.23
C SER C 145 7.43 7.49 -2.24
N MET C 146 8.21 8.45 -1.75
CA MET C 146 8.75 9.47 -2.62
C MET C 146 9.65 8.88 -3.71
N PHE C 147 10.38 7.83 -3.36
CA PHE C 147 11.42 7.29 -4.25
C PHE C 147 10.96 6.91 -5.65
N ALA C 148 9.65 6.90 -5.88
CA ALA C 148 9.08 6.45 -7.15
C ALA C 148 9.58 7.26 -8.35
N SER C 149 9.68 8.57 -8.17
CA SER C 149 10.05 9.45 -9.28
C SER C 149 11.49 9.21 -9.76
N PRO C 150 12.48 9.16 -8.83
CA PRO C 150 13.83 8.90 -9.35
C PRO C 150 13.97 7.55 -10.06
N LEU C 151 13.27 6.54 -9.55
CA LEU C 151 13.29 5.23 -10.18
C LEU C 151 12.71 5.31 -11.60
N ALA C 152 11.63 6.09 -11.73
CA ALA C 152 10.93 6.25 -13.00
C ALA C 152 11.77 7.00 -14.04
N VAL C 153 12.43 8.06 -13.60
CA VAL C 153 13.28 8.85 -14.48
C VAL C 153 14.52 8.03 -14.87
N MET C 154 14.93 7.13 -13.99
CA MET C 154 15.99 6.16 -14.31
C MET C 154 15.51 5.28 -15.47
N GLY C 155 14.26 4.85 -15.37
CA GLY C 155 13.65 4.05 -16.41
C GLY C 155 13.65 4.78 -17.74
N VAL C 156 13.31 6.05 -17.68
CA VAL C 156 13.29 6.91 -18.87
C VAL C 156 14.67 7.01 -19.49
N VAL C 157 15.70 7.12 -18.66
CA VAL C 157 17.06 7.19 -19.19
C VAL C 157 17.40 5.89 -19.92
N ILE C 158 17.08 4.76 -19.30
CA ILE C 158 17.34 3.46 -19.93
C ILE C 158 16.62 3.35 -21.28
N ARG C 159 15.36 3.78 -21.32
CA ARG C 159 14.54 3.70 -22.54
C ARG C 159 15.05 4.62 -23.64
N SER C 160 15.50 5.81 -23.27
CA SER C 160 15.97 6.79 -24.25
C SER C 160 17.45 6.63 -24.56
N GLU C 161 18.11 5.69 -23.88
CA GLU C 161 19.56 5.49 -24.01
C GLU C 161 20.33 6.81 -23.89
N SER C 162 19.68 7.79 -23.27
CA SER C 162 20.18 9.15 -23.15
C SER C 162 19.75 9.81 -21.84
N VAL C 163 20.56 10.74 -21.34
CA VAL C 163 20.29 11.42 -20.07
C VAL C 163 19.50 12.69 -20.32
N GLU C 164 18.65 12.63 -21.34
CA GLU C 164 17.85 13.76 -21.81
C GLU C 164 16.96 14.38 -20.73
N PHE C 165 16.67 13.64 -19.66
CA PHE C 165 15.81 14.15 -18.59
C PHE C 165 16.40 13.88 -17.21
N MET C 166 17.73 13.81 -17.13
CA MET C 166 18.40 13.47 -15.86
C MET C 166 19.72 14.22 -15.62
N PRO C 167 19.67 15.29 -14.80
CA PRO C 167 20.82 16.13 -14.48
C PRO C 167 21.72 15.54 -13.37
N PHE C 168 23.04 15.60 -13.59
CA PHE C 168 24.02 15.07 -12.65
C PHE C 168 24.19 15.87 -11.35
N TYR C 169 24.12 17.19 -11.45
CA TYR C 169 24.34 18.08 -10.32
C TYR C 169 23.40 17.71 -9.17
N LEU C 170 22.15 17.50 -9.54
CA LEU C 170 21.11 17.08 -8.61
C LEU C 170 21.41 15.69 -8.03
N SER C 171 21.73 14.75 -8.93
CA SER C 171 21.93 13.35 -8.59
C SER C 171 23.08 13.07 -7.61
N LEU C 172 24.23 13.68 -7.85
CA LEU C 172 25.38 13.46 -7.00
C LEU C 172 25.09 13.97 -5.59
N SER C 173 24.50 15.15 -5.53
CA SER C 173 24.13 15.75 -4.26
C SER C 173 23.18 14.87 -3.49
N THR C 174 22.21 14.28 -4.18
CA THR C 174 21.26 13.40 -3.51
C THR C 174 21.93 12.12 -2.98
N PHE C 175 22.86 11.57 -3.77
CA PHE C 175 23.67 10.42 -3.34
C PHE C 175 24.42 10.72 -2.04
N LEU C 176 25.07 11.88 -2.01
CA LEU C 176 25.82 12.28 -0.83
C LEU C 176 24.87 12.46 0.35
N MET C 177 23.70 13.04 0.09
CA MET C 177 22.74 13.30 1.14
C MET C 177 22.24 12.01 1.77
N SER C 178 21.90 11.03 0.93
CA SER C 178 21.47 9.73 1.44
C SER C 178 22.60 9.08 2.24
N ALA C 179 23.82 9.10 1.72
CA ALA C 179 24.91 8.44 2.44
C ALA C 179 25.05 9.06 3.82
N SER C 180 25.03 10.38 3.86
CA SER C 180 25.19 11.11 5.12
C SER C 180 24.07 10.79 6.11
N PHE C 181 22.81 10.91 5.69
CA PHE C 181 21.70 10.62 6.60
C PHE C 181 21.59 9.17 7.01
N ALA C 182 22.02 8.27 6.12
CA ALA C 182 22.06 6.85 6.46
C ALA C 182 23.08 6.65 7.55
N LEU C 183 24.22 7.34 7.44
CA LEU C 183 25.21 7.28 8.49
C LEU C 183 24.61 7.87 9.76
N TYR C 184 23.78 8.89 9.61
CA TYR C 184 23.18 9.57 10.76
C TYR C 184 22.27 8.66 11.55
N GLY C 185 21.32 8.06 10.85
CA GLY C 185 20.39 7.13 11.47
C GLY C 185 21.06 5.88 11.97
N LEU C 186 22.05 5.39 11.23
CA LEU C 186 22.78 4.19 11.61
C LEU C 186 23.56 4.42 12.89
N LEU C 187 24.26 5.54 12.95
CA LEU C 187 25.07 5.88 14.11
C LEU C 187 24.15 6.12 15.30
N LEU C 188 23.05 6.81 15.05
CA LEU C 188 22.03 7.04 16.06
C LEU C 188 21.30 5.73 16.40
N ARG C 189 21.43 4.75 15.52
CA ARG C 189 20.80 3.44 15.66
C ARG C 189 19.27 3.56 15.61
N ASP C 190 18.79 4.64 15.00
CA ASP C 190 17.36 4.82 14.77
C ASP C 190 17.03 4.28 13.36
N PHE C 191 16.29 3.16 13.31
CA PHE C 191 15.96 2.46 12.07
C PHE C 191 15.21 3.32 11.05
N PHE C 192 14.24 4.10 11.52
CA PHE C 192 13.35 4.85 10.64
C PHE C 192 14.11 5.87 9.79
N ILE C 193 15.20 6.40 10.32
CA ILE C 193 16.06 7.30 9.56
C ILE C 193 16.95 6.52 8.61
N TYR C 194 17.57 5.45 9.13
CA TYR C 194 18.52 4.66 8.37
C TYR C 194 17.96 4.00 7.13
N PHE C 195 16.85 3.28 7.27
CA PHE C 195 16.40 2.43 6.18
C PHE C 195 16.09 3.21 4.89
N PRO C 196 15.14 4.17 4.93
CA PRO C 196 14.81 4.84 3.67
C PRO C 196 16.00 5.57 3.10
N ASN C 197 16.82 6.16 3.95
CA ASN C 197 18.01 6.88 3.49
C ASN C 197 19.03 5.93 2.86
N GLY C 198 19.09 4.71 3.38
CA GLY C 198 19.95 3.70 2.78
C GLY C 198 19.42 3.30 1.42
N LEU C 199 18.11 3.16 1.33
CA LEU C 199 17.43 2.80 0.08
C LEU C 199 17.66 3.88 -0.97
N GLY C 200 17.68 5.12 -0.50
CA GLY C 200 18.00 6.29 -1.30
C GLY C 200 19.44 6.28 -1.75
N LEU C 201 20.31 5.78 -0.88
CA LEU C 201 21.73 5.64 -1.20
C LEU C 201 21.87 4.64 -2.33
N ILE C 202 21.10 3.56 -2.27
CA ILE C 202 21.11 2.55 -3.33
C ILE C 202 20.62 3.14 -4.65
N LEU C 203 19.47 3.79 -4.60
CA LEU C 203 18.86 4.34 -5.81
C LEU C 203 19.75 5.40 -6.46
N GLY C 204 20.34 6.25 -5.62
CA GLY C 204 21.29 7.24 -6.07
C GLY C 204 22.54 6.63 -6.67
N ALA C 205 23.07 5.58 -6.03
CA ALA C 205 24.25 4.89 -6.52
C ALA C 205 24.00 4.30 -7.90
N MET C 206 22.84 3.68 -8.03
CA MET C 206 22.40 3.15 -9.32
C MET C 206 22.31 4.29 -10.33
N GLN C 207 21.82 5.44 -9.87
CA GLN C 207 21.69 6.62 -10.73
C GLN C 207 23.03 7.10 -11.27
N LEU C 208 23.99 7.24 -10.38
CA LEU C 208 25.32 7.70 -10.73
C LEU C 208 25.99 6.71 -11.69
N ALA C 209 25.89 5.42 -11.38
CA ALA C 209 26.48 4.38 -12.22
C ALA C 209 25.89 4.35 -13.64
N LEU C 210 24.56 4.35 -13.72
CA LEU C 210 23.89 4.33 -15.00
C LEU C 210 24.15 5.62 -15.77
N TYR C 211 24.30 6.71 -15.03
CA TYR C 211 24.68 7.99 -15.64
C TYR C 211 26.08 7.87 -16.26
N ALA C 212 26.98 7.18 -15.58
CA ALA C 212 28.31 6.96 -16.13
C ALA C 212 28.17 6.20 -17.43
N TYR C 213 27.33 5.16 -17.39
CA TYR C 213 27.10 4.35 -18.59
C TYR C 213 26.59 5.13 -19.79
N TYR C 214 25.57 5.95 -19.62
CA TYR C 214 24.96 6.62 -20.77
C TYR C 214 25.65 7.93 -21.15
N SER C 215 26.35 8.55 -20.20
CA SER C 215 27.14 9.74 -20.51
C SER C 215 28.38 9.32 -21.29
N SER C 216 28.91 8.14 -20.98
CA SER C 216 30.04 7.60 -21.72
C SER C 216 29.64 7.27 -23.16
N ASN C 217 28.64 6.40 -23.31
CA ASN C 217 28.24 5.89 -24.62
C ASN C 217 26.73 5.88 -24.77
#